data_1UOC
#
_entry.id   1UOC
#
_cell.length_a   78.582
_cell.length_b   79.440
_cell.length_c   101.324
_cell.angle_alpha   90.00
_cell.angle_beta   90.00
_cell.angle_gamma   90.00
#
_symmetry.space_group_name_H-M   'P 21 21 21'
#
loop_
_entity.id
_entity.type
_entity.pdbx_description
1 polymer POP2
2 non-polymer 'CALCIUM ION'
3 non-polymer XENON
4 water water
#
_entity_poly.entity_id   1
_entity_poly.type   'polypeptide(L)'
_entity_poly.pdbx_seq_one_letter_code
;GAMPPIFLPPPNYLFVRDVWKSNLYSEFAVIRQLVSQYNHVSISTEFVGTLARPIGTFRSKVDYHYQTMRANVDFLNPIQ
LGLSLSDANGNKPDNGPSTWQFNFEFDPKKEIMSTESLELLRKSGINFEKHENLGIDVFEFSQLLMDSGLMMDDSVTWIT
YHAAYDLGFLINILMNDSMPNNKEDFEWWVHQYMPNFYDLNLVYKIIQEFKNPQLQQSSQQQQQQQYSLTTLADELGLPR
FSIFTTTGGQSLLMLLSFCQLSKLSMHKFPNGTDFAKYQGVIYGIDGDQ
;
_entity_poly.pdbx_strand_id   A,B
#
loop_
_chem_comp.id
_chem_comp.type
_chem_comp.name
_chem_comp.formula
CA non-polymer 'CALCIUM ION' 'Ca 2'
XE non-polymer XENON Xe
#
# COMPACT_ATOMS: atom_id res chain seq x y z
N PRO A 4 -19.86 -36.19 11.59
CA PRO A 4 -19.81 -34.75 11.22
C PRO A 4 -20.93 -34.48 10.24
N PRO A 5 -21.79 -33.49 10.54
CA PRO A 5 -22.89 -33.17 9.64
C PRO A 5 -22.37 -33.00 8.22
N ILE A 6 -23.14 -33.42 7.21
CA ILE A 6 -22.69 -33.25 5.84
C ILE A 6 -22.85 -31.79 5.44
N PHE A 7 -21.86 -31.27 4.74
CA PHE A 7 -21.92 -29.89 4.28
C PHE A 7 -21.84 -29.93 2.76
N LEU A 8 -22.99 -29.78 2.11
CA LEU A 8 -23.05 -29.80 0.67
C LEU A 8 -23.47 -28.45 0.11
N PRO A 9 -22.51 -27.69 -0.43
CA PRO A 9 -22.77 -26.37 -1.00
C PRO A 9 -23.69 -26.50 -2.20
N PRO A 10 -24.37 -25.41 -2.58
CA PRO A 10 -25.26 -25.49 -3.75
C PRO A 10 -24.45 -26.08 -4.91
N PRO A 11 -25.03 -27.04 -5.65
CA PRO A 11 -24.36 -27.68 -6.79
C PRO A 11 -23.53 -26.82 -7.73
N ASN A 12 -24.07 -25.69 -8.17
CA ASN A 12 -23.36 -24.83 -9.10
C ASN A 12 -22.11 -24.16 -8.53
N TYR A 13 -21.87 -24.30 -7.23
CA TYR A 13 -20.68 -23.72 -6.62
C TYR A 13 -19.49 -24.61 -6.93
N LEU A 14 -19.76 -25.89 -7.23
CA LEU A 14 -18.70 -26.85 -7.49
C LEU A 14 -18.38 -27.05 -8.97
N PHE A 15 -18.24 -25.94 -9.68
CA PHE A 15 -17.93 -25.95 -11.10
C PHE A 15 -16.65 -25.14 -11.28
N VAL A 16 -15.66 -25.70 -11.98
CA VAL A 16 -14.38 -25.03 -12.23
C VAL A 16 -14.21 -24.69 -13.71
N ARG A 17 -14.07 -23.41 -14.04
CA ARG A 17 -13.88 -23.04 -15.44
C ARG A 17 -12.41 -23.11 -15.76
N ASP A 18 -12.07 -23.88 -16.79
CA ASP A 18 -10.70 -24.00 -17.24
C ASP A 18 -10.37 -22.78 -18.09
N VAL A 19 -9.18 -22.25 -17.90
CA VAL A 19 -8.75 -21.09 -18.64
C VAL A 19 -7.46 -21.43 -19.39
N TRP A 20 -7.43 -21.05 -20.66
CA TRP A 20 -6.28 -21.26 -21.54
C TRP A 20 -6.03 -19.90 -22.18
N LYS A 21 -5.13 -19.83 -23.14
CA LYS A 21 -4.83 -18.56 -23.79
C LYS A 21 -6.06 -17.99 -24.50
N SER A 22 -6.91 -18.86 -25.03
CA SER A 22 -8.12 -18.43 -25.75
C SER A 22 -9.14 -17.65 -24.92
N ASN A 23 -9.39 -18.03 -23.67
CA ASN A 23 -10.37 -17.32 -22.86
C ASN A 23 -9.80 -16.56 -21.67
N LEU A 24 -8.49 -16.37 -21.66
CA LEU A 24 -7.82 -15.65 -20.58
C LEU A 24 -8.40 -14.25 -20.29
N TYR A 25 -8.51 -13.42 -21.32
CA TYR A 25 -9.03 -12.06 -21.13
C TYR A 25 -10.50 -11.96 -20.77
N SER A 26 -11.33 -12.76 -21.42
CA SER A 26 -12.75 -12.72 -21.13
C SER A 26 -13.04 -13.21 -19.71
N GLU A 27 -12.27 -14.18 -19.23
CA GLU A 27 -12.48 -14.68 -17.86
C GLU A 27 -12.03 -13.63 -16.85
N PHE A 28 -10.97 -12.89 -17.18
CA PHE A 28 -10.52 -11.86 -16.27
C PHE A 28 -11.50 -10.69 -16.28
N ALA A 29 -12.28 -10.56 -17.35
CA ALA A 29 -13.28 -9.50 -17.43
C ALA A 29 -14.38 -9.86 -16.42
N VAL A 30 -14.72 -11.15 -16.35
CA VAL A 30 -15.74 -11.63 -15.40
C VAL A 30 -15.24 -11.49 -13.96
N ILE A 31 -13.98 -11.86 -13.72
CA ILE A 31 -13.40 -11.76 -12.38
C ILE A 31 -13.49 -10.31 -11.92
N ARG A 32 -13.11 -9.41 -12.81
CA ARG A 32 -13.11 -7.99 -12.56
C ARG A 32 -14.48 -7.44 -12.11
N GLN A 33 -15.57 -7.93 -12.67
CA GLN A 33 -16.86 -7.39 -12.25
C GLN A 33 -17.49 -8.13 -11.08
N LEU A 34 -16.93 -9.28 -10.71
CA LEU A 34 -17.48 -10.02 -9.58
C LEU A 34 -16.80 -9.61 -8.28
N VAL A 35 -15.51 -9.29 -8.34
CA VAL A 35 -14.76 -8.98 -7.12
C VAL A 35 -15.32 -7.97 -6.12
N SER A 36 -15.96 -6.89 -6.58
CA SER A 36 -16.51 -5.93 -5.62
C SER A 36 -17.49 -6.59 -4.64
N GLN A 37 -18.23 -7.58 -5.10
CA GLN A 37 -19.18 -8.29 -4.25
C GLN A 37 -18.56 -9.57 -3.66
N TYR A 38 -17.96 -10.36 -4.55
CA TYR A 38 -17.32 -11.60 -4.13
C TYR A 38 -15.86 -11.25 -3.92
N ASN A 39 -15.64 -10.52 -2.83
CA ASN A 39 -14.33 -10.00 -2.45
C ASN A 39 -13.39 -10.89 -1.67
N HIS A 40 -13.73 -12.17 -1.53
CA HIS A 40 -12.84 -13.14 -0.86
C HIS A 40 -12.27 -14.00 -1.99
N VAL A 41 -10.95 -14.06 -2.08
CA VAL A 41 -10.25 -14.80 -3.13
C VAL A 41 -9.28 -15.84 -2.56
N SER A 42 -9.43 -17.09 -2.98
CA SER A 42 -8.53 -18.14 -2.53
C SER A 42 -7.61 -18.47 -3.70
N ILE A 43 -6.41 -18.92 -3.40
CA ILE A 43 -5.45 -19.27 -4.44
C ILE A 43 -4.74 -20.58 -4.16
N SER A 44 -4.46 -21.32 -5.22
CA SER A 44 -3.76 -22.59 -5.12
C SER A 44 -2.83 -22.68 -6.32
N THR A 45 -1.75 -23.44 -6.17
CA THR A 45 -0.79 -23.53 -7.25
C THR A 45 -0.24 -24.93 -7.44
N GLU A 46 0.31 -25.14 -8.62
CA GLU A 46 0.90 -26.41 -8.97
C GLU A 46 2.15 -26.04 -9.76
N PHE A 47 3.30 -26.35 -9.19
CA PHE A 47 4.56 -26.06 -9.83
C PHE A 47 5.18 -27.35 -10.30
N VAL A 48 5.95 -27.25 -11.36
CA VAL A 48 6.65 -28.40 -11.91
C VAL A 48 8.15 -28.16 -11.71
N GLY A 49 8.82 -29.11 -11.07
CA GLY A 49 10.24 -28.96 -10.82
C GLY A 49 10.65 -29.86 -9.68
N SER A 60 16.77 -20.10 12.84
CA SER A 60 15.34 -20.32 13.09
C SER A 60 14.70 -21.13 11.96
N LYS A 61 13.67 -21.91 12.32
CA LYS A 61 12.96 -22.72 11.32
C LYS A 61 12.28 -21.83 10.29
N VAL A 62 11.94 -20.61 10.73
CA VAL A 62 11.28 -19.65 9.86
C VAL A 62 12.25 -19.11 8.81
N ASP A 63 13.51 -18.89 9.20
CA ASP A 63 14.48 -18.38 8.26
C ASP A 63 14.92 -19.48 7.30
N TYR A 64 14.72 -20.72 7.71
CA TYR A 64 15.06 -21.86 6.86
C TYR A 64 14.00 -22.00 5.77
N HIS A 65 12.73 -21.94 6.18
CA HIS A 65 11.62 -22.05 5.23
C HIS A 65 11.69 -20.95 4.17
N TYR A 66 11.96 -19.73 4.61
CA TYR A 66 12.06 -18.61 3.68
C TYR A 66 13.25 -18.75 2.73
N GLN A 67 14.40 -19.20 3.26
CA GLN A 67 15.59 -19.37 2.44
C GLN A 67 15.45 -20.53 1.45
N THR A 68 14.70 -21.54 1.87
CA THR A 68 14.46 -22.71 1.03
C THR A 68 13.57 -22.28 -0.12
N MET A 69 12.61 -21.42 0.20
CA MET A 69 11.68 -20.93 -0.80
C MET A 69 12.33 -19.95 -1.77
N ARG A 70 13.17 -19.07 -1.25
CA ARG A 70 13.85 -18.08 -2.08
C ARG A 70 14.81 -18.74 -3.06
N ALA A 71 15.43 -19.82 -2.61
CA ALA A 71 16.38 -20.56 -3.41
C ALA A 71 15.70 -21.44 -4.45
N ASN A 72 14.37 -21.56 -4.34
CA ASN A 72 13.62 -22.40 -5.27
C ASN A 72 12.64 -21.68 -6.20
N VAL A 73 12.09 -20.55 -5.76
CA VAL A 73 11.11 -19.85 -6.57
C VAL A 73 11.45 -19.49 -8.01
N ASP A 74 12.64 -18.96 -8.28
CA ASP A 74 12.95 -18.61 -9.66
C ASP A 74 13.38 -19.80 -10.50
N PHE A 75 13.16 -21.01 -9.99
CA PHE A 75 13.49 -22.21 -10.72
C PHE A 75 12.26 -23.12 -10.80
N LEU A 76 11.21 -22.72 -10.08
CA LEU A 76 9.95 -23.45 -10.06
C LEU A 76 9.07 -22.78 -11.11
N ASN A 77 8.49 -23.55 -12.01
CA ASN A 77 7.61 -22.96 -13.02
C ASN A 77 6.18 -23.45 -12.84
N PRO A 78 5.23 -22.51 -12.78
CA PRO A 78 3.81 -22.80 -12.61
C PRO A 78 3.22 -23.51 -13.81
N ILE A 79 2.46 -24.56 -13.55
CA ILE A 79 1.82 -25.30 -14.63
C ILE A 79 0.31 -25.01 -14.51
N GLN A 80 -0.15 -24.85 -13.28
CA GLN A 80 -1.57 -24.55 -13.01
C GLN A 80 -1.72 -23.65 -11.80
N LEU A 81 -2.80 -22.88 -11.79
CA LEU A 81 -3.10 -21.99 -10.69
C LEU A 81 -4.60 -21.80 -10.60
N GLY A 82 -5.15 -21.97 -9.40
CA GLY A 82 -6.58 -21.80 -9.22
C GLY A 82 -6.96 -20.57 -8.41
N LEU A 83 -8.09 -19.95 -8.76
CA LEU A 83 -8.61 -18.79 -8.04
C LEU A 83 -10.10 -19.02 -7.86
N SER A 84 -10.59 -18.81 -6.66
CA SER A 84 -12.00 -18.98 -6.39
C SER A 84 -12.48 -17.71 -5.69
N LEU A 85 -13.69 -17.26 -6.02
CA LEU A 85 -14.25 -16.05 -5.42
C LEU A 85 -15.57 -16.31 -4.71
N SER A 86 -15.80 -15.58 -3.63
CA SER A 86 -17.05 -15.65 -2.88
C SER A 86 -17.09 -14.45 -1.93
N ASP A 87 -18.23 -14.23 -1.29
CA ASP A 87 -18.33 -13.14 -0.33
C ASP A 87 -17.88 -13.72 1.02
N ALA A 88 -17.95 -12.92 2.07
CA ALA A 88 -17.49 -13.37 3.39
C ALA A 88 -18.24 -14.59 3.93
N ASN A 89 -19.49 -14.77 3.51
CA ASN A 89 -20.28 -15.90 4.00
C ASN A 89 -20.23 -17.11 3.09
N GLY A 90 -19.34 -17.08 2.11
CA GLY A 90 -19.21 -18.21 1.20
C GLY A 90 -20.23 -18.28 0.07
N ASN A 91 -21.03 -17.23 -0.08
CA ASN A 91 -22.02 -17.18 -1.16
C ASN A 91 -21.27 -16.94 -2.46
N LYS A 92 -21.80 -17.49 -3.54
CA LYS A 92 -21.21 -17.36 -4.86
C LYS A 92 -22.32 -17.04 -5.86
N PRO A 93 -21.95 -16.48 -7.03
CA PRO A 93 -22.96 -16.17 -8.05
C PRO A 93 -23.73 -17.42 -8.48
N ASP A 94 -25.05 -17.32 -8.61
CA ASP A 94 -25.88 -18.46 -9.01
C ASP A 94 -25.72 -18.84 -10.48
N ASN A 95 -25.22 -17.91 -11.27
CA ASN A 95 -24.99 -18.15 -12.68
C ASN A 95 -23.53 -17.89 -13.03
N GLY A 96 -22.99 -18.70 -13.92
CA GLY A 96 -21.61 -18.51 -14.33
C GLY A 96 -20.60 -19.09 -13.36
N PRO A 97 -19.33 -19.13 -13.77
CA PRO A 97 -18.20 -19.65 -12.98
C PRO A 97 -17.76 -18.74 -11.83
N SER A 98 -17.33 -19.38 -10.75
CA SER A 98 -16.88 -18.68 -9.56
C SER A 98 -15.49 -19.23 -9.16
N THR A 99 -14.99 -20.18 -9.95
CA THR A 99 -13.68 -20.78 -9.71
C THR A 99 -13.03 -20.98 -11.04
N TRP A 100 -11.75 -20.68 -11.12
CA TRP A 100 -11.00 -20.77 -12.37
C TRP A 100 -9.74 -21.57 -12.15
N GLN A 101 -9.32 -22.26 -13.21
CA GLN A 101 -8.08 -23.01 -13.19
C GLN A 101 -7.31 -22.52 -14.39
N PHE A 102 -6.32 -21.68 -14.14
CA PHE A 102 -5.48 -21.16 -15.21
C PHE A 102 -4.40 -22.18 -15.55
N ASN A 103 -4.30 -22.51 -16.83
CA ASN A 103 -3.31 -23.48 -17.29
C ASN A 103 -2.21 -22.72 -18.04
N PHE A 104 -0.97 -22.85 -17.59
CA PHE A 104 0.12 -22.12 -18.21
C PHE A 104 0.90 -22.86 -19.26
N GLU A 105 1.58 -22.11 -20.12
CA GLU A 105 2.37 -22.69 -21.19
C GLU A 105 3.45 -23.59 -20.62
N PHE A 106 3.71 -24.69 -21.32
CA PHE A 106 4.71 -25.64 -20.88
C PHE A 106 5.53 -26.10 -22.08
N ASP A 107 6.85 -26.15 -21.90
CA ASP A 107 7.78 -26.54 -22.96
C ASP A 107 8.09 -28.04 -22.91
N PRO A 108 7.58 -28.80 -23.89
CA PRO A 108 7.76 -30.25 -24.01
C PRO A 108 9.21 -30.71 -24.07
N LYS A 109 10.14 -29.78 -24.20
CA LYS A 109 11.55 -30.15 -24.28
C LYS A 109 12.35 -29.70 -23.05
N LYS A 110 11.76 -28.88 -22.18
CA LYS A 110 12.46 -28.45 -20.98
C LYS A 110 12.68 -29.71 -20.13
N GLU A 111 13.94 -30.08 -19.98
CA GLU A 111 14.36 -31.28 -19.25
C GLU A 111 14.43 -31.12 -17.73
N ILE A 112 13.56 -30.29 -17.18
CA ILE A 112 13.55 -29.98 -15.74
C ILE A 112 12.86 -30.94 -14.76
N MET A 113 12.28 -32.04 -15.23
CA MET A 113 11.62 -32.95 -14.29
C MET A 113 11.97 -34.44 -14.28
N SER A 114 11.59 -35.10 -13.19
CA SER A 114 11.80 -36.54 -13.02
C SER A 114 10.54 -37.22 -13.52
N THR A 115 10.64 -38.51 -13.85
CA THR A 115 9.49 -39.24 -14.37
C THR A 115 8.45 -39.51 -13.29
N GLU A 116 8.91 -39.46 -12.04
CA GLU A 116 8.03 -39.68 -10.89
C GLU A 116 7.08 -38.49 -10.78
N SER A 117 7.62 -37.30 -11.02
CA SER A 117 6.84 -36.07 -10.98
C SER A 117 5.94 -35.96 -12.20
N LEU A 118 6.52 -36.18 -13.37
CA LEU A 118 5.76 -36.08 -14.60
C LEU A 118 4.65 -37.11 -14.66
N GLU A 119 4.92 -38.32 -14.17
CA GLU A 119 3.89 -39.36 -14.15
C GLU A 119 2.86 -39.01 -13.09
N LEU A 120 3.32 -38.39 -12.01
CA LEU A 120 2.45 -37.99 -10.92
C LEU A 120 1.46 -36.98 -11.52
N LEU A 121 2.00 -35.95 -12.17
CA LEU A 121 1.18 -34.91 -12.81
C LEU A 121 0.16 -35.50 -13.77
N ARG A 122 0.59 -36.49 -14.56
CA ARG A 122 -0.30 -37.12 -15.53
C ARG A 122 -1.62 -37.51 -14.88
N LYS A 123 -1.55 -38.39 -13.89
CA LYS A 123 -2.73 -38.85 -13.18
C LYS A 123 -3.58 -37.65 -12.72
N SER A 124 -2.92 -36.70 -12.08
CA SER A 124 -3.58 -35.49 -11.57
C SER A 124 -4.42 -34.75 -12.63
N GLY A 125 -4.56 -35.35 -13.81
CA GLY A 125 -5.33 -34.73 -14.87
C GLY A 125 -4.59 -33.57 -15.53
N ILE A 126 -3.44 -33.87 -16.13
CA ILE A 126 -2.65 -32.86 -16.81
C ILE A 126 -2.32 -33.35 -18.22
N ASN A 127 -2.86 -32.66 -19.22
CA ASN A 127 -2.57 -33.02 -20.61
C ASN A 127 -1.50 -32.03 -21.04
N PHE A 128 -0.28 -32.52 -21.18
CA PHE A 128 0.85 -31.68 -21.55
C PHE A 128 0.71 -31.05 -22.93
N GLU A 129 0.03 -31.73 -23.84
CA GLU A 129 -0.12 -31.20 -25.19
C GLU A 129 -0.99 -29.95 -25.22
N LYS A 130 -1.97 -29.89 -24.34
CA LYS A 130 -2.84 -28.73 -24.26
C LYS A 130 -2.06 -27.55 -23.70
N HIS A 131 -1.13 -27.84 -22.78
CA HIS A 131 -0.32 -26.79 -22.15
C HIS A 131 0.68 -26.20 -23.12
N GLU A 132 1.20 -27.05 -23.99
CA GLU A 132 2.16 -26.65 -24.99
C GLU A 132 1.53 -25.76 -26.06
N ASN A 133 0.34 -26.10 -26.50
CA ASN A 133 -0.30 -25.34 -27.56
C ASN A 133 -1.32 -24.28 -27.14
N LEU A 134 -1.86 -24.37 -25.93
CA LEU A 134 -2.86 -23.40 -25.52
C LEU A 134 -2.58 -22.80 -24.16
N GLY A 135 -1.48 -23.23 -23.54
CA GLY A 135 -1.11 -22.73 -22.22
C GLY A 135 -0.94 -21.23 -22.24
N ILE A 136 -1.34 -20.57 -21.15
CA ILE A 136 -1.23 -19.13 -21.10
C ILE A 136 0.17 -18.67 -20.71
N ASP A 137 0.53 -17.47 -21.13
CA ASP A 137 1.83 -16.90 -20.82
C ASP A 137 1.79 -16.26 -19.44
N VAL A 138 2.71 -16.68 -18.56
CA VAL A 138 2.72 -16.17 -17.20
C VAL A 138 2.85 -14.67 -17.02
N PHE A 139 3.60 -13.97 -17.88
CA PHE A 139 3.70 -12.52 -17.72
C PHE A 139 2.36 -11.85 -18.03
N GLU A 140 1.70 -12.32 -19.09
CA GLU A 140 0.41 -11.78 -19.51
C GLU A 140 -0.60 -11.96 -18.38
N PHE A 141 -0.53 -13.12 -17.74
CA PHE A 141 -1.41 -13.46 -16.63
C PHE A 141 -1.17 -12.52 -15.46
N SER A 142 0.10 -12.34 -15.10
CA SER A 142 0.44 -11.49 -13.96
C SER A 142 -0.01 -10.06 -14.21
N GLN A 143 0.08 -9.61 -15.46
CA GLN A 143 -0.33 -8.25 -15.78
C GLN A 143 -1.84 -8.12 -15.56
N LEU A 144 -2.60 -9.11 -16.01
CA LEU A 144 -4.05 -9.08 -15.83
C LEU A 144 -4.41 -9.12 -14.32
N LEU A 145 -3.60 -9.82 -13.54
CA LEU A 145 -3.83 -9.94 -12.11
C LEU A 145 -3.57 -8.60 -11.42
N MET A 146 -2.55 -7.89 -11.88
CA MET A 146 -2.20 -6.60 -11.31
C MET A 146 -3.32 -5.58 -11.45
N ASP A 147 -3.96 -5.57 -12.61
CA ASP A 147 -5.04 -4.62 -12.88
C ASP A 147 -6.46 -5.15 -12.63
N SER A 148 -6.56 -6.36 -12.09
CA SER A 148 -7.86 -6.95 -11.85
C SER A 148 -8.65 -6.31 -10.70
N GLY A 149 -7.95 -5.64 -9.81
CA GLY A 149 -8.62 -5.03 -8.68
C GLY A 149 -8.48 -5.92 -7.44
N LEU A 150 -7.84 -7.07 -7.60
CA LEU A 150 -7.65 -7.99 -6.48
C LEU A 150 -6.44 -7.63 -5.61
N MET A 151 -5.49 -6.92 -6.20
CA MET A 151 -4.25 -6.53 -5.50
C MET A 151 -4.26 -5.12 -4.91
N MET A 152 -3.47 -4.92 -3.86
CA MET A 152 -3.32 -3.62 -3.21
C MET A 152 -4.63 -2.98 -2.80
N ASP A 153 -5.55 -3.77 -2.29
CA ASP A 153 -6.86 -3.28 -1.89
C ASP A 153 -7.36 -4.07 -0.69
N ASP A 154 -7.37 -3.43 0.48
CA ASP A 154 -7.78 -4.09 1.70
C ASP A 154 -9.26 -4.49 1.79
N SER A 155 -10.06 -4.13 0.79
CA SER A 155 -11.46 -4.54 0.82
C SER A 155 -11.56 -5.95 0.25
N VAL A 156 -10.42 -6.46 -0.22
CA VAL A 156 -10.31 -7.79 -0.78
C VAL A 156 -9.50 -8.64 0.21
N THR A 157 -10.05 -9.78 0.56
CA THR A 157 -9.42 -10.70 1.51
C THR A 157 -8.87 -11.92 0.78
N TRP A 158 -7.56 -12.13 0.85
CA TRP A 158 -6.96 -13.29 0.20
C TRP A 158 -6.89 -14.47 1.16
N ILE A 159 -7.17 -15.66 0.64
CA ILE A 159 -7.16 -16.90 1.43
C ILE A 159 -6.13 -17.83 0.83
N THR A 160 -5.25 -18.36 1.67
CA THR A 160 -4.19 -19.25 1.21
C THR A 160 -4.03 -20.41 2.16
N TYR A 161 -3.27 -21.41 1.72
CA TYR A 161 -2.98 -22.59 2.53
C TYR A 161 -1.50 -22.80 2.30
N HIS A 162 -0.71 -22.77 3.36
CA HIS A 162 0.74 -22.89 3.20
C HIS A 162 1.13 -21.78 2.22
N ALA A 163 0.85 -20.54 2.63
CA ALA A 163 1.13 -19.36 1.84
C ALA A 163 2.54 -19.38 1.29
N ALA A 164 3.48 -18.88 2.10
CA ALA A 164 4.90 -18.79 1.75
C ALA A 164 5.24 -19.03 0.28
N TYR A 165 5.03 -20.25 -0.19
CA TYR A 165 5.34 -20.59 -1.57
C TYR A 165 4.41 -20.00 -2.62
N ASP A 166 3.12 -19.94 -2.33
CA ASP A 166 2.18 -19.38 -3.31
C ASP A 166 2.43 -17.90 -3.47
N LEU A 167 2.53 -17.20 -2.33
CA LEU A 167 2.79 -15.76 -2.31
C LEU A 167 4.19 -15.49 -2.85
N GLY A 168 5.14 -16.32 -2.46
CA GLY A 168 6.50 -16.16 -2.95
C GLY A 168 6.42 -16.08 -4.46
N PHE A 169 5.80 -17.09 -5.07
CA PHE A 169 5.61 -17.14 -6.51
C PHE A 169 4.85 -15.91 -7.04
N LEU A 170 3.65 -15.67 -6.52
CA LEU A 170 2.85 -14.52 -6.94
C LEU A 170 3.67 -13.24 -6.96
N ILE A 171 4.34 -12.96 -5.84
CA ILE A 171 5.18 -11.77 -5.74
C ILE A 171 6.29 -11.81 -6.80
N ASN A 172 6.83 -13.01 -7.02
CA ASN A 172 7.90 -13.19 -8.00
C ASN A 172 7.50 -12.80 -9.42
N ILE A 173 6.25 -13.08 -9.78
CA ILE A 173 5.76 -12.75 -11.12
C ILE A 173 5.24 -11.32 -11.17
N LEU A 174 4.53 -10.90 -10.13
CA LEU A 174 3.98 -9.55 -10.07
C LEU A 174 5.06 -8.48 -10.09
N MET A 175 6.25 -8.83 -9.60
CA MET A 175 7.35 -7.89 -9.55
C MET A 175 8.26 -8.02 -10.77
N ASN A 176 9.24 -7.13 -10.87
CA ASN A 176 10.19 -7.11 -11.98
C ASN A 176 11.17 -8.27 -11.86
N ASP A 177 10.66 -9.43 -11.43
CA ASP A 177 11.45 -10.63 -11.22
C ASP A 177 12.55 -10.33 -10.20
N SER A 178 12.52 -9.11 -9.66
CA SER A 178 13.48 -8.66 -8.65
C SER A 178 13.02 -9.10 -7.27
N MET A 179 13.09 -10.41 -7.03
CA MET A 179 12.70 -11.00 -5.76
C MET A 179 13.41 -10.35 -4.59
N PRO A 180 12.71 -10.14 -3.47
CA PRO A 180 13.34 -9.53 -2.29
C PRO A 180 14.57 -10.33 -1.88
N ASN A 181 15.33 -9.81 -0.93
CA ASN A 181 16.57 -10.47 -0.51
C ASN A 181 16.56 -11.04 0.90
N ASN A 182 15.48 -10.82 1.63
CA ASN A 182 15.37 -11.33 3.00
C ASN A 182 13.92 -11.41 3.43
N LYS A 183 13.66 -12.29 4.40
CA LYS A 183 12.33 -12.51 4.93
C LYS A 183 11.57 -11.21 5.19
N GLU A 184 12.22 -10.31 5.92
CA GLU A 184 11.65 -9.02 6.29
C GLU A 184 11.13 -8.22 5.08
N ASP A 185 11.95 -8.07 4.04
CA ASP A 185 11.55 -7.33 2.86
C ASP A 185 10.49 -8.09 2.05
N PHE A 186 10.53 -9.41 2.14
CA PHE A 186 9.56 -10.26 1.44
C PHE A 186 8.19 -9.96 2.04
N GLU A 187 8.12 -10.00 3.36
CA GLU A 187 6.87 -9.74 4.05
C GLU A 187 6.32 -8.35 3.75
N TRP A 188 7.22 -7.38 3.63
CA TRP A 188 6.80 -6.01 3.34
C TRP A 188 6.07 -5.97 2.00
N TRP A 189 6.67 -6.51 0.96
CA TRP A 189 6.05 -6.52 -0.37
C TRP A 189 4.75 -7.29 -0.40
N VAL A 190 4.73 -8.43 0.29
CA VAL A 190 3.52 -9.25 0.36
C VAL A 190 2.37 -8.45 0.96
N HIS A 191 2.63 -7.74 2.07
CA HIS A 191 1.57 -6.96 2.69
C HIS A 191 1.12 -5.82 1.78
N GLN A 192 2.01 -5.33 0.92
CA GLN A 192 1.66 -4.25 0.00
C GLN A 192 0.74 -4.74 -1.13
N TYR A 193 0.99 -5.94 -1.65
CA TYR A 193 0.16 -6.50 -2.70
C TYR A 193 -1.11 -7.13 -2.16
N MET A 194 -1.04 -7.69 -0.95
CA MET A 194 -2.19 -8.32 -0.34
C MET A 194 -2.32 -7.81 1.08
N PRO A 195 -2.87 -6.60 1.24
CA PRO A 195 -3.06 -5.94 2.55
C PRO A 195 -4.04 -6.64 3.48
N ASN A 196 -4.73 -7.67 2.98
CA ASN A 196 -5.70 -8.38 3.80
C ASN A 196 -5.69 -9.85 3.39
N PHE A 197 -5.03 -10.69 4.17
CA PHE A 197 -4.99 -12.10 3.81
C PHE A 197 -4.87 -13.06 4.97
N TYR A 198 -5.27 -14.30 4.73
CA TYR A 198 -5.20 -15.33 5.75
C TYR A 198 -4.61 -16.64 5.25
N ASP A 199 -3.86 -17.30 6.11
CA ASP A 199 -3.31 -18.61 5.79
C ASP A 199 -4.24 -19.55 6.56
N LEU A 200 -5.17 -20.16 5.85
CA LEU A 200 -6.14 -21.06 6.47
C LEU A 200 -5.44 -22.19 7.23
N ASN A 201 -4.32 -22.65 6.69
CA ASN A 201 -3.56 -23.73 7.31
C ASN A 201 -3.14 -23.30 8.73
N LEU A 202 -2.67 -22.07 8.83
CA LEU A 202 -2.25 -21.54 10.11
C LEU A 202 -3.44 -21.34 11.06
N VAL A 203 -4.54 -20.78 10.57
CA VAL A 203 -5.72 -20.58 11.41
C VAL A 203 -6.19 -21.92 12.00
N TYR A 204 -6.19 -22.95 11.15
CA TYR A 204 -6.62 -24.27 11.55
C TYR A 204 -5.61 -24.92 12.48
N LYS A 205 -4.32 -24.79 12.18
CA LYS A 205 -3.31 -25.38 13.04
C LYS A 205 -3.42 -24.90 14.48
N ILE A 206 -3.70 -23.60 14.67
CA ILE A 206 -3.80 -23.13 16.03
C ILE A 206 -5.14 -23.48 16.66
N ILE A 207 -6.15 -23.74 15.83
CA ILE A 207 -7.45 -24.14 16.38
C ILE A 207 -7.28 -25.60 16.76
N GLN A 208 -6.85 -26.39 15.77
CA GLN A 208 -6.62 -27.82 15.95
C GLN A 208 -5.28 -27.99 16.62
N GLU A 209 -5.12 -27.29 17.74
CA GLU A 209 -3.90 -27.30 18.53
C GLU A 209 -4.34 -26.79 19.90
N PHE A 210 -5.55 -26.24 19.92
CA PHE A 210 -6.18 -25.70 21.12
C PHE A 210 -7.05 -26.79 21.74
N LYS A 211 -7.37 -27.80 20.94
CA LYS A 211 -8.18 -28.92 21.41
C LYS A 211 -7.30 -30.12 21.74
N ASN A 212 -5.99 -29.97 21.49
CA ASN A 212 -5.04 -31.03 21.75
C ASN A 212 -3.85 -30.50 22.55
N GLN A 226 -4.13 -33.96 12.04
CA GLN A 226 -3.43 -33.51 10.82
C GLN A 226 -3.85 -32.09 10.51
N TYR A 227 -3.06 -31.42 9.67
CA TYR A 227 -3.35 -30.05 9.30
C TYR A 227 -3.55 -29.87 7.80
N SER A 228 -3.72 -30.97 7.07
CA SER A 228 -3.94 -30.87 5.62
C SER A 228 -5.31 -30.26 5.31
N LEU A 229 -5.43 -29.68 4.13
CA LEU A 229 -6.68 -29.06 3.71
C LEU A 229 -7.75 -30.16 3.69
N THR A 230 -7.35 -31.37 3.30
CA THR A 230 -8.26 -32.50 3.23
C THR A 230 -8.90 -32.89 4.57
N THR A 231 -8.09 -33.02 5.63
CA THR A 231 -8.65 -33.40 6.92
C THR A 231 -9.51 -32.26 7.46
N LEU A 232 -9.18 -31.03 7.09
CA LEU A 232 -9.97 -29.90 7.54
C LEU A 232 -11.32 -29.96 6.83
N ALA A 233 -11.30 -30.24 5.53
CA ALA A 233 -12.53 -30.34 4.75
C ALA A 233 -13.41 -31.49 5.26
N ASP A 234 -12.79 -32.60 5.67
CA ASP A 234 -13.57 -33.70 6.20
C ASP A 234 -14.29 -33.31 7.49
N GLU A 235 -13.57 -32.73 8.43
CA GLU A 235 -14.17 -32.32 9.70
C GLU A 235 -15.34 -31.37 9.49
N LEU A 236 -15.34 -30.62 8.40
CA LEU A 236 -16.43 -29.70 8.14
C LEU A 236 -17.53 -30.45 7.40
N GLY A 237 -17.23 -31.71 7.08
CA GLY A 237 -18.20 -32.54 6.39
C GLY A 237 -18.41 -32.29 4.91
N LEU A 238 -17.34 -31.98 4.19
CA LEU A 238 -17.42 -31.74 2.75
C LEU A 238 -17.11 -33.04 2.01
N PRO A 239 -18.03 -33.49 1.15
CA PRO A 239 -17.82 -34.73 0.40
C PRO A 239 -16.54 -34.70 -0.42
N ARG A 240 -15.92 -35.86 -0.58
CA ARG A 240 -14.69 -35.95 -1.36
C ARG A 240 -14.96 -35.91 -2.85
N PHE A 241 -15.62 -34.85 -3.33
CA PHE A 241 -15.86 -34.76 -4.78
C PHE A 241 -14.51 -34.73 -5.49
N SER A 242 -14.43 -35.38 -6.65
CA SER A 242 -13.18 -35.46 -7.39
C SER A 242 -12.73 -34.11 -7.96
N ILE A 243 -13.68 -33.21 -8.16
CA ILE A 243 -13.34 -31.89 -8.68
C ILE A 243 -12.37 -31.21 -7.71
N PHE A 244 -12.47 -31.54 -6.43
CA PHE A 244 -11.61 -30.98 -5.39
C PHE A 244 -10.15 -31.38 -5.52
N THR A 245 -9.86 -32.41 -6.33
CA THR A 245 -8.48 -32.87 -6.51
C THR A 245 -7.65 -32.09 -7.53
N THR A 246 -8.31 -31.31 -8.37
CA THR A 246 -7.60 -30.52 -9.37
C THR A 246 -7.11 -29.24 -8.70
N THR A 247 -6.23 -28.52 -9.38
CA THR A 247 -5.70 -27.28 -8.82
C THR A 247 -6.81 -26.25 -8.60
N GLY A 248 -7.72 -26.15 -9.56
CA GLY A 248 -8.83 -25.23 -9.42
C GLY A 248 -9.71 -25.68 -8.28
N GLY A 249 -9.97 -26.98 -8.21
CA GLY A 249 -10.77 -27.54 -7.15
C GLY A 249 -10.21 -27.25 -5.78
N GLN A 250 -8.88 -27.25 -5.69
CA GLN A 250 -8.20 -26.96 -4.43
C GLN A 250 -8.47 -25.55 -3.94
N SER A 251 -8.43 -24.57 -4.85
CA SER A 251 -8.69 -23.20 -4.43
C SER A 251 -10.14 -23.15 -3.97
N LEU A 252 -11.00 -23.88 -4.67
CA LEU A 252 -12.40 -23.94 -4.32
C LEU A 252 -12.62 -24.55 -2.92
N LEU A 253 -11.96 -25.67 -2.65
CA LEU A 253 -12.10 -26.36 -1.36
C LEU A 253 -11.64 -25.47 -0.23
N MET A 254 -10.54 -24.76 -0.50
CA MET A 254 -9.92 -23.84 0.43
C MET A 254 -10.90 -22.75 0.86
N LEU A 255 -11.48 -22.07 -0.12
CA LEU A 255 -12.44 -21.00 0.15
C LEU A 255 -13.71 -21.49 0.87
N LEU A 256 -14.24 -22.63 0.45
CA LEU A 256 -15.43 -23.21 1.05
C LEU A 256 -15.15 -23.49 2.51
N SER A 257 -13.99 -24.08 2.76
CA SER A 257 -13.57 -24.40 4.11
C SER A 257 -13.37 -23.16 4.96
N PHE A 258 -12.71 -22.14 4.40
CA PHE A 258 -12.48 -20.92 5.15
C PHE A 258 -13.80 -20.28 5.60
N CYS A 259 -14.71 -20.09 4.65
CA CYS A 259 -15.98 -19.47 4.95
C CYS A 259 -16.87 -20.29 5.90
N GLN A 260 -16.81 -21.61 5.81
CA GLN A 260 -17.62 -22.45 6.67
C GLN A 260 -17.00 -22.50 8.07
N LEU A 261 -15.70 -22.73 8.14
CA LEU A 261 -15.01 -22.78 9.43
C LEU A 261 -15.26 -21.45 10.13
N SER A 262 -15.16 -20.36 9.37
CA SER A 262 -15.36 -19.03 9.90
C SER A 262 -16.77 -18.83 10.42
N LYS A 263 -17.76 -19.32 9.67
CA LYS A 263 -19.16 -19.20 10.05
C LYS A 263 -19.48 -19.98 11.34
N LEU A 264 -19.06 -21.23 11.41
CA LEU A 264 -19.30 -22.05 12.60
C LEU A 264 -18.61 -21.47 13.83
N SER A 265 -17.55 -20.71 13.60
CA SER A 265 -16.76 -20.13 14.69
C SER A 265 -17.05 -18.66 14.94
N MET A 266 -17.99 -18.08 14.21
CA MET A 266 -18.29 -16.66 14.35
C MET A 266 -16.93 -15.96 14.42
N HIS A 267 -16.07 -16.40 13.50
CA HIS A 267 -14.71 -15.89 13.34
C HIS A 267 -13.88 -15.80 14.62
N LYS A 268 -14.14 -16.67 15.58
CA LYS A 268 -13.39 -16.66 16.84
C LYS A 268 -12.62 -17.95 17.08
N PHE A 269 -11.49 -17.82 17.76
CA PHE A 269 -10.69 -19.00 18.10
C PHE A 269 -11.35 -19.58 19.35
N PRO A 270 -11.03 -20.84 19.68
CA PRO A 270 -11.61 -21.48 20.87
C PRO A 270 -11.54 -20.67 22.17
N ASN A 271 -10.71 -19.62 22.20
CA ASN A 271 -10.59 -18.82 23.41
C ASN A 271 -11.18 -17.42 23.30
N GLY A 272 -12.04 -17.21 22.32
CA GLY A 272 -12.66 -15.90 22.15
C GLY A 272 -11.93 -14.93 21.23
N THR A 273 -10.62 -15.13 21.09
CA THR A 273 -9.81 -14.26 20.22
C THR A 273 -10.36 -14.26 18.79
N ASP A 274 -10.23 -13.13 18.12
CA ASP A 274 -10.70 -12.97 16.75
C ASP A 274 -9.65 -13.48 15.75
N PHE A 275 -10.12 -14.09 14.66
CA PHE A 275 -9.24 -14.62 13.61
C PHE A 275 -8.30 -13.54 13.08
N ALA A 276 -8.83 -12.31 12.99
CA ALA A 276 -8.08 -11.18 12.48
C ALA A 276 -6.70 -11.07 13.10
N LYS A 277 -6.55 -11.55 14.31
CA LYS A 277 -5.26 -11.50 15.01
C LYS A 277 -4.19 -12.14 14.13
N TYR A 278 -4.57 -13.05 13.26
CA TYR A 278 -3.61 -13.71 12.39
C TYR A 278 -3.64 -13.23 10.94
N GLN A 279 -4.32 -12.12 10.69
CA GLN A 279 -4.35 -11.55 9.35
C GLN A 279 -2.90 -11.26 8.99
N GLY A 280 -2.55 -11.45 7.72
CA GLY A 280 -1.21 -11.16 7.25
C GLY A 280 -0.07 -12.01 7.79
N VAL A 281 -0.37 -12.98 8.64
CA VAL A 281 0.67 -13.81 9.22
C VAL A 281 1.04 -14.96 8.31
N ILE A 282 2.32 -14.98 7.93
CA ILE A 282 2.86 -16.01 7.05
C ILE A 282 3.67 -17.02 7.87
N TYR A 283 4.71 -16.49 8.51
CA TYR A 283 5.66 -17.27 9.29
C TYR A 283 5.48 -17.29 10.81
N GLY A 284 4.28 -17.08 11.29
CA GLY A 284 4.06 -17.09 12.73
C GLY A 284 3.84 -15.72 13.32
N ILE A 285 3.00 -15.66 14.34
CA ILE A 285 2.68 -14.40 15.00
C ILE A 285 3.92 -13.87 15.72
N ASP A 286 4.02 -12.55 15.86
CA ASP A 286 5.16 -11.95 16.54
C ASP A 286 5.28 -12.58 17.94
N GLY A 287 6.44 -13.16 18.25
CA GLY A 287 6.64 -13.78 19.55
C GLY A 287 6.70 -15.30 19.53
N ASP A 288 6.29 -15.89 18.41
CA ASP A 288 6.32 -17.34 18.28
C ASP A 288 7.16 -17.68 17.06
N GLN A 289 8.02 -16.75 16.68
CA GLN A 289 8.92 -16.92 15.55
C GLN A 289 10.32 -17.33 16.02
N PRO B 4 22.22 26.24 22.41
CA PRO B 4 21.14 25.33 21.99
C PRO B 4 20.94 24.14 22.91
N PRO B 5 20.35 24.37 24.10
CA PRO B 5 20.13 23.24 25.00
C PRO B 5 19.16 22.32 24.27
N ILE B 6 19.58 21.08 24.03
CA ILE B 6 18.79 20.10 23.31
C ILE B 6 17.27 20.12 23.53
N PHE B 7 16.53 20.02 22.41
CA PHE B 7 15.07 19.98 22.44
C PHE B 7 14.67 18.59 21.93
N LEU B 8 14.15 17.76 22.83
CA LEU B 8 13.76 16.40 22.49
C LEU B 8 12.27 16.14 22.58
N PRO B 9 11.60 15.92 21.45
CA PRO B 9 10.17 15.65 21.40
C PRO B 9 9.87 14.26 21.91
N PRO B 10 8.61 14.00 22.31
CA PRO B 10 8.27 12.66 22.78
C PRO B 10 8.63 11.66 21.67
N PRO B 11 9.10 10.47 22.04
CA PRO B 11 9.48 9.44 21.07
C PRO B 11 8.52 9.17 19.93
N ASN B 12 7.24 9.03 20.24
CA ASN B 12 6.24 8.73 19.22
C ASN B 12 5.91 9.86 18.25
N TYR B 13 6.46 11.05 18.48
CA TYR B 13 6.21 12.16 17.57
C TYR B 13 7.15 11.97 16.38
N LEU B 14 8.17 11.13 16.56
CA LEU B 14 9.16 10.87 15.52
C LEU B 14 8.77 9.79 14.51
N PHE B 15 7.62 9.15 14.73
CA PHE B 15 7.16 8.10 13.83
C PHE B 15 6.58 8.67 12.54
N VAL B 16 7.00 8.13 11.40
CA VAL B 16 6.48 8.59 10.11
C VAL B 16 5.84 7.42 9.38
N ARG B 17 4.57 7.56 9.03
CA ARG B 17 3.83 6.54 8.30
C ARG B 17 3.98 6.68 6.79
N ASP B 18 4.49 5.65 6.14
CA ASP B 18 4.63 5.68 4.69
C ASP B 18 3.26 5.42 4.08
N VAL B 19 2.95 6.10 2.99
CA VAL B 19 1.67 5.92 2.33
C VAL B 19 1.88 5.51 0.89
N TRP B 20 1.20 4.43 0.50
CA TRP B 20 1.27 3.89 -0.83
C TRP B 20 -0.14 3.68 -1.31
N LYS B 21 -0.29 3.05 -2.47
CA LYS B 21 -1.59 2.80 -3.05
C LYS B 21 -2.49 2.02 -2.08
N SER B 22 -1.90 1.04 -1.41
CA SER B 22 -2.61 0.14 -0.49
C SER B 22 -3.16 0.68 0.83
N ASN B 23 -2.75 1.88 1.26
CA ASN B 23 -3.26 2.42 2.52
C ASN B 23 -3.62 3.90 2.42
N LEU B 24 -3.72 4.39 1.19
CA LEU B 24 -4.04 5.78 0.92
C LEU B 24 -5.33 6.25 1.59
N TYR B 25 -6.43 5.52 1.36
CA TYR B 25 -7.71 5.92 1.93
C TYR B 25 -7.81 5.76 3.45
N SER B 26 -7.25 4.68 3.98
CA SER B 26 -7.30 4.46 5.42
C SER B 26 -6.54 5.54 6.19
N GLU B 27 -5.40 5.99 5.64
CA GLU B 27 -4.63 7.03 6.30
C GLU B 27 -5.37 8.36 6.17
N PHE B 28 -6.07 8.59 5.07
CA PHE B 28 -6.79 9.85 4.96
C PHE B 28 -7.97 9.88 5.92
N ALA B 29 -8.50 8.71 6.25
CA ALA B 29 -9.59 8.61 7.19
C ALA B 29 -9.04 9.09 8.53
N VAL B 30 -7.85 8.62 8.91
CA VAL B 30 -7.25 9.03 10.18
C VAL B 30 -6.99 10.56 10.15
N ILE B 31 -6.45 11.05 9.04
CA ILE B 31 -6.18 12.48 8.92
C ILE B 31 -7.45 13.29 9.15
N ARG B 32 -8.56 12.87 8.53
CA ARG B 32 -9.82 13.58 8.72
C ARG B 32 -10.24 13.66 10.18
N GLN B 33 -10.23 12.54 10.88
CA GLN B 33 -10.63 12.50 12.28
C GLN B 33 -9.73 13.28 13.24
N LEU B 34 -8.48 13.52 12.86
CA LEU B 34 -7.55 14.23 13.74
C LEU B 34 -7.47 15.76 13.61
N VAL B 35 -7.78 16.28 12.42
CA VAL B 35 -7.66 17.72 12.15
C VAL B 35 -8.33 18.68 13.09
N SER B 36 -9.58 18.41 13.45
CA SER B 36 -10.31 19.30 14.35
C SER B 36 -9.50 19.65 15.60
N GLN B 37 -8.85 18.65 16.18
CA GLN B 37 -8.05 18.87 17.37
C GLN B 37 -6.62 19.28 16.99
N TYR B 38 -6.00 18.53 16.08
CA TYR B 38 -4.66 18.86 15.63
C TYR B 38 -4.77 19.62 14.31
N ASN B 39 -5.30 20.83 14.43
CA ASN B 39 -5.53 21.72 13.30
C ASN B 39 -4.33 22.42 12.71
N HIS B 40 -3.12 22.00 13.09
CA HIS B 40 -1.93 22.61 12.53
C HIS B 40 -1.33 21.58 11.59
N VAL B 41 -1.10 22.00 10.35
CA VAL B 41 -0.61 21.12 9.29
C VAL B 41 0.59 21.67 8.54
N SER B 42 1.66 20.88 8.48
CA SER B 42 2.85 21.29 7.75
C SER B 42 2.91 20.44 6.49
N ILE B 43 3.51 21.00 5.45
CA ILE B 43 3.60 20.29 4.18
C ILE B 43 4.99 20.42 3.57
N SER B 44 5.48 19.32 3.05
CA SER B 44 6.78 19.30 2.40
C SER B 44 6.60 18.50 1.12
N THR B 45 7.30 18.91 0.06
CA THR B 45 7.22 18.21 -1.21
C THR B 45 8.59 17.93 -1.76
N GLU B 46 8.66 17.00 -2.69
CA GLU B 46 9.90 16.64 -3.35
C GLU B 46 9.48 16.36 -4.77
N PHE B 47 10.09 17.09 -5.71
CA PHE B 47 9.78 16.94 -7.11
C PHE B 47 10.97 16.36 -7.84
N VAL B 48 10.71 15.89 -9.05
CA VAL B 48 11.76 15.35 -9.89
C VAL B 48 11.73 16.20 -11.17
N GLY B 49 12.79 16.97 -11.41
CA GLY B 49 12.85 17.81 -12.59
C GLY B 49 13.81 18.98 -12.45
N VAL B 62 10.15 39.75 -5.93
CA VAL B 62 9.20 38.67 -5.71
C VAL B 62 8.53 38.29 -7.02
N ASP B 63 8.44 39.26 -7.93
CA ASP B 63 7.83 39.03 -9.24
C ASP B 63 8.66 37.99 -10.00
N TYR B 64 9.95 37.97 -9.74
CA TYR B 64 10.87 37.02 -10.37
C TYR B 64 10.57 35.60 -9.92
N HIS B 65 10.49 35.41 -8.61
CA HIS B 65 10.23 34.10 -8.03
C HIS B 65 8.88 33.51 -8.45
N TYR B 66 7.86 34.33 -8.59
CA TYR B 66 6.56 33.81 -9.00
C TYR B 66 6.54 33.44 -10.48
N GLN B 67 7.16 34.28 -11.31
CA GLN B 67 7.19 34.04 -12.75
C GLN B 67 7.92 32.72 -13.02
N THR B 68 9.06 32.51 -12.35
CA THR B 68 9.83 31.28 -12.51
C THR B 68 8.99 30.10 -12.02
N MET B 69 8.43 30.24 -10.82
CA MET B 69 7.59 29.19 -10.25
C MET B 69 6.54 28.81 -11.30
N ARG B 70 5.91 29.82 -11.86
CA ARG B 70 4.86 29.65 -12.87
C ARG B 70 5.34 28.82 -14.05
N ALA B 71 6.55 29.10 -14.50
CA ALA B 71 7.12 28.39 -15.64
C ALA B 71 7.43 26.92 -15.37
N ASN B 72 7.88 26.59 -14.16
CA ASN B 72 8.22 25.22 -13.83
C ASN B 72 7.10 24.30 -13.33
N VAL B 73 6.01 24.87 -12.83
CA VAL B 73 4.92 24.06 -12.31
C VAL B 73 4.54 22.87 -13.19
N ASP B 74 4.46 23.07 -14.50
CA ASP B 74 4.09 21.99 -15.42
C ASP B 74 5.20 20.97 -15.63
N PHE B 75 6.45 21.42 -15.58
CA PHE B 75 7.59 20.53 -15.78
C PHE B 75 8.11 19.86 -14.49
N LEU B 76 7.42 20.10 -13.37
CA LEU B 76 7.80 19.53 -12.08
C LEU B 76 6.82 18.48 -11.58
N ASN B 77 7.24 17.22 -11.56
CA ASN B 77 6.38 16.13 -11.08
C ASN B 77 6.71 15.77 -9.64
N PRO B 78 5.69 15.70 -8.78
CA PRO B 78 5.84 15.37 -7.36
C PRO B 78 6.15 13.89 -7.21
N ILE B 79 7.10 13.56 -6.34
CA ILE B 79 7.46 12.17 -6.13
C ILE B 79 7.09 11.75 -4.69
N GLN B 80 7.22 12.68 -3.76
CA GLN B 80 6.89 12.45 -2.35
C GLN B 80 6.33 13.74 -1.77
N LEU B 81 5.44 13.62 -0.80
CA LEU B 81 4.86 14.76 -0.13
C LEU B 81 4.59 14.41 1.33
N GLY B 82 5.06 15.24 2.24
CA GLY B 82 4.85 14.97 3.66
C GLY B 82 3.84 15.89 4.30
N LEU B 83 3.02 15.33 5.18
CA LEU B 83 2.03 16.09 5.93
C LEU B 83 2.18 15.71 7.40
N SER B 84 2.21 16.71 8.28
CA SER B 84 2.33 16.49 9.71
C SER B 84 1.27 17.33 10.43
N LEU B 85 0.61 16.74 11.41
CA LEU B 85 -0.45 17.38 12.17
C LEU B 85 -0.14 17.45 13.66
N SER B 86 -0.57 18.54 14.29
CA SER B 86 -0.40 18.75 15.73
C SER B 86 -1.25 19.97 16.08
N ASP B 87 -1.45 20.22 17.39
CA ASP B 87 -2.25 21.36 17.80
C ASP B 87 -1.34 22.59 17.87
N ALA B 88 -1.88 23.71 18.33
CA ALA B 88 -1.11 24.94 18.42
C ALA B 88 0.16 24.83 19.26
N ASN B 89 0.10 24.05 20.31
CA ASN B 89 1.25 23.88 21.19
C ASN B 89 2.21 22.77 20.77
N GLY B 90 2.01 22.25 19.56
CA GLY B 90 2.88 21.19 19.09
C GLY B 90 2.57 19.81 19.66
N ASN B 91 1.43 19.67 20.33
CA ASN B 91 1.04 18.38 20.89
C ASN B 91 0.59 17.49 19.74
N LYS B 92 0.85 16.19 19.85
CA LYS B 92 0.48 15.23 18.82
C LYS B 92 -0.17 14.06 19.54
N PRO B 93 -0.99 13.27 18.83
CA PRO B 93 -1.65 12.13 19.49
C PRO B 93 -0.65 11.10 19.98
N ASP B 94 -0.95 10.47 21.12
CA ASP B 94 -0.05 9.48 21.69
C ASP B 94 -0.09 8.15 20.94
N ASN B 95 -1.27 7.75 20.50
CA ASN B 95 -1.38 6.50 19.76
C ASN B 95 -1.54 6.80 18.28
N GLY B 96 -0.82 6.06 17.45
CA GLY B 96 -0.91 6.23 16.00
C GLY B 96 -0.04 7.34 15.43
N PRO B 97 0.09 7.38 14.09
CA PRO B 97 0.88 8.35 13.34
C PRO B 97 0.32 9.78 13.32
N SER B 98 1.24 10.74 13.29
CA SER B 98 0.92 12.15 13.28
C SER B 98 1.60 12.79 12.05
N THR B 99 2.41 11.99 11.36
CA THR B 99 3.12 12.46 10.18
C THR B 99 3.03 11.40 9.07
N TRP B 100 2.73 11.83 7.85
CA TRP B 100 2.62 10.91 6.72
C TRP B 100 3.53 11.32 5.58
N GLN B 101 4.05 10.31 4.88
CA GLN B 101 4.87 10.55 3.71
C GLN B 101 4.15 9.90 2.54
N PHE B 102 3.57 10.70 1.65
CA PHE B 102 2.88 10.15 0.50
C PHE B 102 3.87 9.89 -0.62
N ASN B 103 3.78 8.69 -1.18
CA ASN B 103 4.69 8.29 -2.25
C ASN B 103 3.90 8.15 -3.52
N PHE B 104 4.22 8.98 -4.50
CA PHE B 104 3.49 8.98 -5.76
C PHE B 104 4.06 8.05 -6.80
N GLU B 105 3.27 7.77 -7.82
CA GLU B 105 3.73 6.89 -8.88
C GLU B 105 4.85 7.59 -9.65
N PHE B 106 5.76 6.80 -10.18
CA PHE B 106 6.90 7.34 -10.92
C PHE B 106 7.26 6.31 -11.99
N ASP B 107 7.31 6.76 -13.23
CA ASP B 107 7.65 5.86 -14.34
C ASP B 107 9.14 5.96 -14.67
N PRO B 108 9.91 4.91 -14.34
CA PRO B 108 11.36 4.81 -14.57
C PRO B 108 11.80 4.96 -16.02
N LYS B 109 10.84 4.95 -16.95
CA LYS B 109 11.15 5.07 -18.37
C LYS B 109 11.11 6.50 -18.90
N LYS B 110 11.15 7.48 -18.00
CA LYS B 110 11.14 8.89 -18.39
C LYS B 110 12.46 9.54 -17.99
N GLU B 111 13.17 10.10 -18.98
CA GLU B 111 14.46 10.75 -18.76
C GLU B 111 14.36 12.06 -17.98
N ILE B 112 13.41 12.10 -17.05
CA ILE B 112 13.16 13.28 -16.23
C ILE B 112 14.38 13.84 -15.47
N MET B 113 15.45 13.05 -15.34
CA MET B 113 16.60 13.51 -14.56
C MET B 113 18.01 13.26 -15.07
N SER B 114 18.97 13.72 -14.26
CA SER B 114 20.41 13.59 -14.51
C SER B 114 20.96 12.71 -13.39
N THR B 115 22.17 12.17 -13.57
CA THR B 115 22.74 11.32 -12.53
C THR B 115 22.89 12.07 -11.21
N GLU B 116 23.13 13.36 -11.29
CA GLU B 116 23.26 14.18 -10.08
C GLU B 116 21.88 14.26 -9.40
N SER B 117 20.82 14.34 -10.19
CA SER B 117 19.46 14.39 -9.65
C SER B 117 19.12 13.05 -9.03
N LEU B 118 19.44 11.98 -9.77
CA LEU B 118 19.20 10.60 -9.34
C LEU B 118 19.79 10.40 -7.94
N GLU B 119 21.04 10.82 -7.77
CA GLU B 119 21.73 10.68 -6.50
C GLU B 119 21.08 11.46 -5.35
N LEU B 120 20.70 12.70 -5.62
CA LEU B 120 20.05 13.52 -4.59
C LEU B 120 18.88 12.73 -4.01
N LEU B 121 18.06 12.17 -4.91
CA LEU B 121 16.89 11.39 -4.56
C LEU B 121 17.25 10.12 -3.80
N ARG B 122 18.06 9.27 -4.40
CA ARG B 122 18.45 8.02 -3.77
C ARG B 122 18.84 8.23 -2.31
N LYS B 123 19.78 9.14 -2.08
CA LYS B 123 20.26 9.44 -0.73
C LYS B 123 19.14 9.98 0.14
N SER B 124 18.27 10.80 -0.44
CA SER B 124 17.14 11.34 0.29
C SER B 124 16.32 10.20 0.90
N GLY B 125 16.52 8.99 0.39
CA GLY B 125 15.80 7.83 0.88
C GLY B 125 14.76 7.31 -0.09
N ILE B 126 14.89 7.66 -1.36
CA ILE B 126 13.94 7.23 -2.38
C ILE B 126 14.22 5.89 -3.04
N ASN B 127 13.24 5.00 -2.99
CA ASN B 127 13.32 3.67 -3.59
C ASN B 127 12.40 3.69 -4.80
N PHE B 128 12.99 3.68 -5.98
CA PHE B 128 12.23 3.75 -7.22
C PHE B 128 11.32 2.58 -7.54
N GLU B 129 11.75 1.38 -7.15
CA GLU B 129 10.93 0.20 -7.39
C GLU B 129 9.58 0.35 -6.68
N LYS B 130 9.62 0.83 -5.45
CA LYS B 130 8.41 1.00 -4.67
C LYS B 130 7.48 2.02 -5.29
N HIS B 131 8.04 3.12 -5.79
CA HIS B 131 7.21 4.15 -6.42
C HIS B 131 6.57 3.66 -7.71
N GLU B 132 7.31 2.90 -8.50
CA GLU B 132 6.78 2.40 -9.75
C GLU B 132 5.67 1.36 -9.57
N ASN B 133 5.76 0.54 -8.52
CA ASN B 133 4.75 -0.48 -8.29
C ASN B 133 3.65 -0.12 -7.29
N LEU B 134 3.99 0.67 -6.28
CA LEU B 134 3.01 1.04 -5.26
C LEU B 134 2.68 2.53 -5.15
N GLY B 135 3.37 3.38 -5.91
CA GLY B 135 3.12 4.81 -5.84
C GLY B 135 1.69 5.21 -6.07
N ILE B 136 1.19 6.21 -5.35
CA ILE B 136 -0.20 6.63 -5.52
C ILE B 136 -0.41 7.62 -6.65
N ASP B 137 -1.63 7.63 -7.18
CA ASP B 137 -2.02 8.51 -8.27
C ASP B 137 -2.21 9.91 -7.74
N VAL B 138 -1.55 10.87 -8.38
CA VAL B 138 -1.61 12.26 -7.98
C VAL B 138 -3.03 12.82 -8.00
N PHE B 139 -3.85 12.34 -8.92
CA PHE B 139 -5.21 12.84 -9.03
C PHE B 139 -6.03 12.39 -7.82
N GLU B 140 -5.95 11.10 -7.48
CA GLU B 140 -6.67 10.57 -6.34
C GLU B 140 -6.24 11.27 -5.05
N PHE B 141 -4.95 11.56 -4.92
CA PHE B 141 -4.42 12.22 -3.73
C PHE B 141 -5.05 13.60 -3.58
N SER B 142 -5.11 14.35 -4.67
CA SER B 142 -5.66 15.70 -4.63
C SER B 142 -7.14 15.72 -4.30
N GLN B 143 -7.89 14.76 -4.82
CA GLN B 143 -9.31 14.69 -4.53
C GLN B 143 -9.50 14.42 -3.05
N LEU B 144 -8.74 13.49 -2.51
CA LEU B 144 -8.83 13.17 -1.09
C LEU B 144 -8.45 14.38 -0.25
N LEU B 145 -7.45 15.14 -0.71
CA LEU B 145 -7.00 16.31 0.01
C LEU B 145 -8.11 17.36 0.06
N MET B 146 -8.71 17.63 -1.10
CA MET B 146 -9.78 18.61 -1.20
C MET B 146 -10.99 18.33 -0.32
N ASP B 147 -11.28 17.05 -0.07
CA ASP B 147 -12.43 16.68 0.76
C ASP B 147 -12.01 16.20 2.14
N SER B 148 -10.78 16.53 2.52
CA SER B 148 -10.22 16.13 3.80
C SER B 148 -10.77 16.96 4.96
N GLY B 149 -11.08 18.21 4.68
CA GLY B 149 -11.55 19.10 5.72
C GLY B 149 -10.39 20.00 6.09
N LEU B 150 -9.28 19.85 5.36
CA LEU B 150 -8.08 20.67 5.60
C LEU B 150 -8.05 21.90 4.69
N MET B 151 -8.79 21.89 3.60
CA MET B 151 -8.78 23.02 2.69
C MET B 151 -9.97 23.93 2.97
N MET B 152 -9.86 25.19 2.55
CA MET B 152 -10.93 26.17 2.73
C MET B 152 -11.62 26.13 4.08
N ASP B 153 -10.84 26.23 5.15
CA ASP B 153 -11.36 26.21 6.51
C ASP B 153 -10.34 26.93 7.37
N ASP B 154 -10.64 28.16 7.76
CA ASP B 154 -9.70 28.95 8.55
C ASP B 154 -9.37 28.37 9.92
N SER B 155 -10.15 27.38 10.39
CA SER B 155 -9.86 26.77 11.68
C SER B 155 -8.64 25.85 11.60
N VAL B 156 -8.10 25.70 10.39
CA VAL B 156 -6.92 24.88 10.13
C VAL B 156 -5.76 25.81 9.82
N THR B 157 -4.60 25.58 10.43
CA THR B 157 -3.46 26.45 10.16
C THR B 157 -2.41 25.67 9.39
N TRP B 158 -2.00 26.20 8.24
CA TRP B 158 -1.00 25.53 7.43
C TRP B 158 0.38 26.11 7.69
N ILE B 159 1.36 25.24 7.79
CA ILE B 159 2.73 25.65 8.02
C ILE B 159 3.51 25.21 6.79
N THR B 160 4.22 26.15 6.17
CA THR B 160 4.98 25.85 4.97
C THR B 160 6.39 26.40 5.12
N TYR B 161 7.25 26.13 4.14
CA TYR B 161 8.63 26.62 4.14
C TYR B 161 8.96 26.84 2.68
N HIS B 162 9.20 28.09 2.29
CA HIS B 162 9.48 28.42 0.89
C HIS B 162 8.26 27.90 0.15
N ALA B 163 7.09 28.29 0.65
CA ALA B 163 5.80 27.88 0.11
C ALA B 163 5.42 28.35 -1.30
N ALA B 164 6.40 28.55 -2.17
CA ALA B 164 6.08 28.98 -3.52
C ALA B 164 5.67 27.78 -4.37
N TYR B 165 6.57 26.83 -4.53
CA TYR B 165 6.30 25.66 -5.35
C TYR B 165 5.28 24.69 -4.75
N ASP B 166 5.27 24.57 -3.42
CA ASP B 166 4.31 23.69 -2.78
C ASP B 166 2.92 24.17 -3.18
N LEU B 167 2.63 25.43 -2.85
CA LEU B 167 1.35 26.03 -3.17
C LEU B 167 1.13 26.04 -4.68
N GLY B 168 2.17 26.38 -5.43
CA GLY B 168 2.06 26.40 -6.88
C GLY B 168 1.65 25.03 -7.38
N PHE B 169 2.27 23.99 -6.82
CA PHE B 169 1.97 22.61 -7.17
C PHE B 169 0.57 22.27 -6.70
N LEU B 170 0.29 22.52 -5.42
CA LEU B 170 -1.03 22.25 -4.88
C LEU B 170 -2.09 22.97 -5.70
N ILE B 171 -1.90 24.28 -5.86
CA ILE B 171 -2.83 25.09 -6.63
C ILE B 171 -2.94 24.64 -8.09
N ASN B 172 -1.88 24.04 -8.61
CA ASN B 172 -1.89 23.58 -10.00
C ASN B 172 -2.71 22.31 -10.18
N ILE B 173 -2.40 21.27 -9.40
CA ILE B 173 -3.14 20.01 -9.51
C ILE B 173 -4.57 20.19 -8.99
N LEU B 174 -4.69 20.73 -7.77
CA LEU B 174 -5.99 20.98 -7.14
C LEU B 174 -6.94 21.76 -8.03
N MET B 175 -6.42 22.37 -9.10
CA MET B 175 -7.26 23.14 -10.01
C MET B 175 -7.38 22.46 -11.37
N ASN B 176 -8.21 23.05 -12.24
CA ASN B 176 -8.45 22.53 -13.58
C ASN B 176 -7.17 22.57 -14.41
N ASP B 177 -6.02 22.37 -13.75
CA ASP B 177 -4.74 22.44 -14.43
C ASP B 177 -4.65 23.86 -14.97
N SER B 178 -5.54 24.71 -14.46
CA SER B 178 -5.64 26.12 -14.85
C SER B 178 -4.81 27.01 -13.93
N MET B 179 -3.54 27.21 -14.30
CA MET B 179 -2.64 28.04 -13.51
C MET B 179 -2.86 29.54 -13.70
N PRO B 180 -3.00 30.28 -12.59
CA PRO B 180 -3.20 31.73 -12.68
C PRO B 180 -2.08 32.34 -13.51
N ASN B 181 -2.36 33.45 -14.18
CA ASN B 181 -1.36 34.08 -15.02
C ASN B 181 -0.51 35.14 -14.33
N ASN B 182 -0.80 35.44 -13.07
CA ASN B 182 -0.01 36.45 -12.38
C ASN B 182 -0.06 36.42 -10.85
N LYS B 183 0.93 37.05 -10.24
CA LYS B 183 1.05 37.14 -8.79
C LYS B 183 -0.28 37.46 -8.10
N GLU B 184 -1.11 38.22 -8.78
CA GLU B 184 -2.41 38.62 -8.24
C GLU B 184 -3.37 37.45 -8.10
N ASP B 185 -3.72 36.81 -9.21
CA ASP B 185 -4.65 35.68 -9.20
C ASP B 185 -4.14 34.50 -8.38
N PHE B 186 -2.82 34.27 -8.40
CA PHE B 186 -2.24 33.15 -7.66
C PHE B 186 -2.49 33.29 -6.17
N GLU B 187 -2.15 34.44 -5.61
CA GLU B 187 -2.36 34.65 -4.17
C GLU B 187 -3.83 34.54 -3.82
N TRP B 188 -4.68 35.13 -4.65
CA TRP B 188 -6.12 35.09 -4.41
C TRP B 188 -6.53 33.65 -4.21
N TRP B 189 -6.34 32.83 -5.24
CA TRP B 189 -6.71 31.44 -5.14
C TRP B 189 -6.09 30.73 -3.93
N VAL B 190 -4.81 30.95 -3.67
CA VAL B 190 -4.21 30.29 -2.52
C VAL B 190 -4.97 30.69 -1.26
N HIS B 191 -5.22 31.99 -1.11
CA HIS B 191 -5.95 32.48 0.07
C HIS B 191 -7.31 31.80 0.22
N GLN B 192 -7.91 31.43 -0.90
CA GLN B 192 -9.19 30.77 -0.88
C GLN B 192 -9.05 29.32 -0.42
N TYR B 193 -8.14 28.58 -1.06
CA TYR B 193 -7.94 27.18 -0.69
C TYR B 193 -7.26 27.01 0.67
N MET B 194 -6.43 27.98 1.03
CA MET B 194 -5.76 27.96 2.34
C MET B 194 -5.99 29.31 3.05
N PRO B 195 -7.17 29.47 3.67
CA PRO B 195 -7.53 30.70 4.37
C PRO B 195 -6.60 31.11 5.51
N ASN B 196 -5.90 30.14 6.08
CA ASN B 196 -5.02 30.41 7.21
C ASN B 196 -3.70 29.67 7.19
N PHE B 197 -2.62 30.35 6.78
CA PHE B 197 -1.33 29.70 6.73
C PHE B 197 -0.14 30.59 7.08
N TYR B 198 1.02 29.97 7.26
CA TYR B 198 2.24 30.68 7.59
C TYR B 198 3.42 30.09 6.87
N ASP B 199 4.36 30.94 6.49
CA ASP B 199 5.56 30.47 5.84
C ASP B 199 6.63 30.57 6.92
N LEU B 200 7.02 29.45 7.49
CA LEU B 200 8.02 29.41 8.55
C LEU B 200 9.32 30.13 8.18
N ASN B 201 9.80 29.92 6.97
CA ASN B 201 11.02 30.56 6.50
C ASN B 201 10.87 32.08 6.55
N LEU B 202 9.68 32.57 6.25
CA LEU B 202 9.44 34.00 6.28
C LEU B 202 9.49 34.50 7.73
N VAL B 203 8.76 33.82 8.61
CA VAL B 203 8.74 34.21 10.01
C VAL B 203 10.15 34.21 10.57
N TYR B 204 10.93 33.20 10.20
CA TYR B 204 12.29 33.09 10.67
C TYR B 204 13.19 34.19 10.08
N LYS B 205 12.88 34.62 8.87
CA LYS B 205 13.69 35.68 8.24
C LYS B 205 13.60 36.93 9.10
N ILE B 206 12.38 37.44 9.28
CA ILE B 206 12.17 38.62 10.09
C ILE B 206 13.09 38.48 11.31
N ILE B 207 12.96 37.38 12.03
CA ILE B 207 13.78 37.11 13.21
C ILE B 207 15.17 36.62 12.77
N SER B 228 17.01 28.86 6.59
CA SER B 228 17.24 27.44 6.43
C SER B 228 16.65 26.59 7.57
N LEU B 229 15.83 25.60 7.21
CA LEU B 229 15.19 24.72 8.18
C LEU B 229 16.20 24.10 9.14
N THR B 230 17.26 23.53 8.59
CA THR B 230 18.27 22.89 9.43
C THR B 230 18.85 23.82 10.49
N THR B 231 19.39 24.96 10.08
CA THR B 231 19.95 25.87 11.06
C THR B 231 18.89 26.27 12.08
N LEU B 232 17.65 26.44 11.65
CA LEU B 232 16.57 26.81 12.57
C LEU B 232 16.43 25.69 13.61
N ALA B 233 16.28 24.46 13.13
CA ALA B 233 16.15 23.32 14.00
C ALA B 233 17.35 23.27 14.96
N ASP B 234 18.53 23.51 14.41
CA ASP B 234 19.75 23.50 15.21
C ASP B 234 19.66 24.53 16.33
N GLU B 235 19.36 25.78 16.00
CA GLU B 235 19.23 26.81 17.02
C GLU B 235 18.26 26.35 18.08
N LEU B 236 17.13 25.81 17.63
CA LEU B 236 16.10 25.33 18.54
C LEU B 236 16.58 24.14 19.37
N GLY B 237 17.67 23.52 18.93
CA GLY B 237 18.23 22.39 19.67
C GLY B 237 17.71 21.03 19.26
N LEU B 238 17.13 20.92 18.07
CA LEU B 238 16.61 19.64 17.59
C LEU B 238 17.75 18.77 17.10
N PRO B 239 17.78 17.49 17.54
CA PRO B 239 18.85 16.60 17.10
C PRO B 239 18.78 16.35 15.60
N ARG B 240 19.91 15.98 15.02
CA ARG B 240 19.96 15.69 13.60
C ARG B 240 19.53 14.26 13.33
N PHE B 241 18.36 13.88 13.84
CA PHE B 241 17.83 12.54 13.59
C PHE B 241 17.77 12.32 12.08
N SER B 242 18.08 11.12 11.61
CA SER B 242 18.06 10.86 10.18
C SER B 242 16.65 10.88 9.58
N ILE B 243 15.65 10.66 10.42
CA ILE B 243 14.28 10.67 9.93
C ILE B 243 13.90 12.04 9.39
N PHE B 244 14.60 13.09 9.84
CA PHE B 244 14.31 14.46 9.39
C PHE B 244 14.80 14.77 7.97
N THR B 245 15.58 13.86 7.39
CA THR B 245 16.12 14.07 6.05
C THR B 245 15.20 13.62 4.92
N THR B 246 14.15 12.88 5.28
CA THR B 246 13.20 12.40 4.30
C THR B 246 12.07 13.43 4.13
N THR B 247 11.41 13.39 2.99
CA THR B 247 10.32 14.30 2.72
C THR B 247 9.33 14.33 3.91
N GLY B 248 8.94 13.15 4.38
CA GLY B 248 8.04 13.08 5.51
C GLY B 248 8.64 13.70 6.75
N GLY B 249 9.90 13.39 7.00
CA GLY B 249 10.59 13.93 8.16
C GLY B 249 10.70 15.45 8.13
N GLN B 250 10.89 16.00 6.93
CA GLN B 250 10.99 17.45 6.78
C GLN B 250 9.71 18.16 7.24
N SER B 251 8.54 17.62 6.90
CA SER B 251 7.29 18.27 7.33
C SER B 251 7.21 18.20 8.85
N LEU B 252 7.76 17.13 9.39
CA LEU B 252 7.77 16.93 10.83
C LEU B 252 8.71 17.95 11.48
N LEU B 253 9.91 18.07 10.95
CA LEU B 253 10.88 19.00 11.50
C LEU B 253 10.28 20.41 11.46
N MET B 254 9.64 20.71 10.33
CA MET B 254 8.98 21.98 10.08
C MET B 254 7.91 22.33 11.13
N LEU B 255 7.06 21.37 11.47
CA LEU B 255 6.00 21.61 12.43
C LEU B 255 6.51 21.69 13.87
N LEU B 256 7.44 20.81 14.20
CA LEU B 256 8.05 20.79 15.52
C LEU B 256 8.73 22.15 15.72
N SER B 257 9.43 22.62 14.67
CA SER B 257 10.14 23.90 14.72
C SER B 257 9.22 25.11 14.82
N PHE B 258 8.13 25.09 14.06
CA PHE B 258 7.18 26.19 14.06
C PHE B 258 6.57 26.38 15.44
N CYS B 259 5.99 25.31 15.99
CA CYS B 259 5.35 25.36 17.29
C CYS B 259 6.31 25.75 18.43
N GLN B 260 7.50 25.17 18.45
CA GLN B 260 8.46 25.49 19.50
C GLN B 260 8.94 26.94 19.39
N LEU B 261 9.04 27.46 18.18
CA LEU B 261 9.47 28.84 17.98
C LEU B 261 8.34 29.77 18.45
N SER B 262 7.12 29.42 18.08
CA SER B 262 5.95 30.20 18.46
C SER B 262 5.82 30.30 19.98
N LYS B 263 6.14 29.21 20.66
CA LYS B 263 6.06 29.17 22.12
C LYS B 263 7.11 30.09 22.75
N LEU B 264 8.38 29.87 22.41
CA LEU B 264 9.48 30.67 22.93
C LEU B 264 9.36 32.14 22.56
N SER B 265 8.69 32.42 21.45
CA SER B 265 8.51 33.79 20.99
C SER B 265 7.15 34.32 21.39
N MET B 266 6.40 33.53 22.16
CA MET B 266 5.07 33.92 22.60
C MET B 266 4.24 34.35 21.40
N HIS B 267 4.57 33.77 20.24
CA HIS B 267 3.92 34.04 18.97
C HIS B 267 3.88 35.56 18.76
N LYS B 268 5.06 36.15 18.93
CA LYS B 268 5.33 37.58 18.79
C LYS B 268 6.76 37.77 18.29
N PHE B 269 7.01 38.84 17.55
CA PHE B 269 8.34 39.16 17.02
C PHE B 269 9.18 39.99 18.02
N PRO B 270 10.44 40.30 17.64
CA PRO B 270 11.31 41.08 18.53
C PRO B 270 10.72 42.46 18.86
N ASN B 271 10.11 43.09 17.87
CA ASN B 271 9.51 44.41 18.05
C ASN B 271 8.18 44.36 18.81
N GLY B 272 7.71 43.16 19.14
CA GLY B 272 6.45 43.03 19.87
C GLY B 272 5.23 42.79 18.99
N THR B 273 5.42 42.76 17.68
CA THR B 273 4.32 42.53 16.75
C THR B 273 3.96 41.04 16.74
N ASP B 274 2.70 40.72 16.51
CA ASP B 274 2.23 39.34 16.48
C ASP B 274 2.61 38.60 15.21
N PHE B 275 2.77 37.29 15.32
CA PHE B 275 3.09 36.45 14.16
C PHE B 275 2.00 36.61 13.11
N ALA B 276 0.76 36.63 13.57
CA ALA B 276 -0.42 36.76 12.71
C ALA B 276 -0.29 37.84 11.64
N LYS B 277 0.53 38.84 11.90
CA LYS B 277 0.72 39.93 10.95
C LYS B 277 1.26 39.42 9.62
N TYR B 278 1.68 38.16 9.59
CA TYR B 278 2.22 37.56 8.36
C TYR B 278 1.44 36.36 7.85
N GLN B 279 0.29 36.09 8.46
CA GLN B 279 -0.54 34.98 8.02
C GLN B 279 -0.95 35.22 6.57
N GLY B 280 -1.01 34.15 5.78
CA GLY B 280 -1.40 34.30 4.39
C GLY B 280 -0.35 34.90 3.49
N VAL B 281 0.74 35.40 4.06
CA VAL B 281 1.80 36.01 3.26
C VAL B 281 2.71 35.02 2.55
N ILE B 282 2.76 35.10 1.23
CA ILE B 282 3.59 34.22 0.43
C ILE B 282 4.88 34.93 0.05
N TYR B 283 4.75 36.09 -0.58
CA TYR B 283 5.89 36.88 -1.03
C TYR B 283 6.25 38.09 -0.18
N GLY B 284 5.78 38.12 1.07
CA GLY B 284 6.08 39.25 1.92
C GLY B 284 4.96 40.25 2.12
N ILE B 285 4.90 40.81 3.32
CA ILE B 285 3.88 41.79 3.69
C ILE B 285 3.93 43.04 2.80
N ASP B 286 2.75 43.60 2.54
CA ASP B 286 2.64 44.80 1.73
C ASP B 286 3.47 45.90 2.42
N GLY B 287 4.56 46.31 1.78
CA GLY B 287 5.42 47.31 2.36
C GLY B 287 6.85 46.80 2.39
N ASP B 288 7.02 45.49 2.30
CA ASP B 288 8.33 44.87 2.31
C ASP B 288 8.61 44.20 0.96
N GLN B 289 7.70 44.40 0.01
CA GLN B 289 7.86 43.83 -1.33
C GLN B 289 8.54 44.86 -2.22
CA CA C . -18.69 -5.61 -9.55
XE XE D . 1.92 -11.37 -3.28
CA CA E . -12.03 15.25 14.94
XE XE F . -3.26 25.83 -2.24
#